data_4BZN
#
_entry.id   4BZN
#
_cell.length_a   96.802
_cell.length_b   96.802
_cell.length_c   79.995
_cell.angle_alpha   90.00
_cell.angle_beta   90.00
_cell.angle_gamma   120.00
#
_symmetry.space_group_name_H-M   'P 65'
#
loop_
_entity.id
_entity.type
_entity.pdbx_description
1 polymer 'SERINE/THREONINE-PROTEIN KINASE PIM-1'
2 non-polymer N-(2,2-dimethylpropyl)-2-[1-oxo-7-(thiophen-3-yl)-1,2,3,4-tetrahydropyrrolo[1,2-a]pyrazin-4-yl]acetamide
3 water water
#
_entity_poly.entity_id   1
_entity_poly.type   'polypeptide(L)'
_entity_poly.pdbx_seq_one_letter_code
;GPLLSKINSLAHLRAAPCNDLHATKLAPGKEKEPLESQYQVGPLLGSGGFGSVYSGIRVSDNLPVAIKHVEKDRISDWGE
LPNGTRVPMEVVLLKKVSSGFSGVIRLLDWFERPDSFVLILERPEPVQDLFDFITERGALQEELARSFFWQVLEAVRHCH
NCGVLHRDIKDENILIDLNRGELKLIDFGSGALLKDTVYTDFDGTRVYSPPEWIRYHRYHGRSAAVWSLGILLYDMVCGD
IPFEHDEEIIRGQVFFRQRVS(SEP)ECQHLIRWCLALRPSDRPTFEEIQNHPWMQDVLLPQETAEIHLHSLSPGPSK
;
_entity_poly.pdbx_strand_id   A
#
loop_
_chem_comp.id
_chem_comp.type
_chem_comp.name
_chem_comp.formula
UGX non-polymer N-(2,2-dimethylpropyl)-2-[1-oxo-7-(thiophen-3-yl)-1,2,3,4-tetrahydropyrrolo[1,2-a]pyrazin-4-yl]acetamide 'C18 H23 N3 O2 S'
#
# COMPACT_ATOMS: atom_id res chain seq x y z
N PRO A 34 6.36 -30.39 0.45
CA PRO A 34 6.73 -29.37 -0.53
C PRO A 34 6.75 -27.97 0.08
N LEU A 35 5.66 -27.56 0.72
CA LEU A 35 5.58 -26.25 1.38
C LEU A 35 6.15 -26.29 2.81
N GLU A 36 5.67 -27.25 3.60
CA GLU A 36 6.06 -27.35 5.02
C GLU A 36 7.53 -27.68 5.19
N SER A 37 8.10 -28.41 4.23
CA SER A 37 9.53 -28.76 4.29
C SER A 37 10.43 -27.59 3.86
N GLN A 38 9.97 -26.80 2.89
CA GLN A 38 10.75 -25.68 2.36
C GLN A 38 10.88 -24.47 3.30
N TYR A 39 9.92 -24.30 4.20
CA TYR A 39 9.90 -23.15 5.08
C TYR A 39 9.75 -23.51 6.55
N GLN A 40 10.47 -22.78 7.39
CA GLN A 40 10.33 -22.89 8.83
C GLN A 40 9.33 -21.81 9.27
N VAL A 41 8.15 -22.22 9.73
CA VAL A 41 7.13 -21.27 10.13
C VAL A 41 7.44 -20.70 11.51
N GLY A 42 7.49 -19.38 11.60
CA GLY A 42 7.67 -18.70 12.88
C GLY A 42 6.34 -18.19 13.38
N PRO A 43 6.37 -17.15 14.24
CA PRO A 43 5.15 -16.63 14.86
C PRO A 43 4.19 -15.96 13.87
N LEU A 44 2.92 -15.93 14.23
CA LEU A 44 1.92 -15.15 13.52
C LEU A 44 2.28 -13.67 13.57
N LEU A 45 2.34 -13.02 12.41
CA LEU A 45 2.60 -11.56 12.36
C LEU A 45 1.33 -10.74 12.40
N GLY A 46 0.27 -11.22 11.77
CA GLY A 46 -1.00 -10.50 11.76
C GLY A 46 -2.06 -11.34 11.12
N SER A 47 -3.31 -11.04 11.41
CA SER A 47 -4.42 -11.68 10.75
C SER A 47 -5.57 -10.72 10.73
N GLY A 48 -6.48 -10.91 9.79
CA GLY A 48 -7.62 -10.04 9.64
C GLY A 48 -8.33 -10.41 8.35
N GLY A 49 -9.03 -9.44 7.76
CA GLY A 49 -9.75 -9.67 6.51
C GLY A 49 -8.87 -10.21 5.40
N PHE A 50 -7.57 -9.91 5.48
CA PHE A 50 -6.59 -10.32 4.46
C PHE A 50 -6.16 -11.77 4.60
N GLY A 51 -6.48 -12.41 5.72
CA GLY A 51 -6.02 -13.76 6.02
C GLY A 51 -5.10 -13.82 7.23
N SER A 52 -4.17 -14.77 7.24
CA SER A 52 -3.20 -14.86 8.32
C SER A 52 -1.81 -14.85 7.77
N VAL A 53 -0.94 -14.02 8.34
CA VAL A 53 0.42 -13.90 7.88
C VAL A 53 1.40 -14.30 8.98
N TYR A 54 2.28 -15.24 8.65
CA TYR A 54 3.29 -15.73 9.61
C TYR A 54 4.67 -15.33 9.19
N SER A 55 5.54 -15.14 10.19
CA SER A 55 6.95 -15.00 9.94
C SER A 55 7.45 -16.37 9.55
N GLY A 56 8.41 -16.41 8.66
CA GLY A 56 8.98 -17.68 8.25
C GLY A 56 10.40 -17.48 7.81
N ILE A 57 11.07 -18.61 7.59
CA ILE A 57 12.43 -18.61 7.10
C ILE A 57 12.49 -19.65 5.98
N ARG A 58 13.09 -19.28 4.85
CA ARG A 58 13.31 -20.23 3.77
C ARG A 58 14.44 -21.16 4.22
N VAL A 59 14.14 -22.46 4.34
CA VAL A 59 15.11 -23.42 4.89
C VAL A 59 16.40 -23.47 4.06
N SER A 60 16.25 -23.42 2.74
CA SER A 60 17.39 -23.55 1.83
C SER A 60 18.52 -22.56 2.10
N ASP A 61 18.20 -21.27 2.25
CA ASP A 61 19.22 -20.24 2.45
C ASP A 61 18.99 -19.32 3.65
N ASN A 62 17.99 -19.65 4.47
CA ASN A 62 17.64 -18.87 5.67
C ASN A 62 17.03 -17.48 5.41
N LEU A 63 16.63 -17.23 4.17
CA LEU A 63 16.03 -15.95 3.79
C LEU A 63 14.78 -15.71 4.62
N PRO A 64 14.67 -14.51 5.21
CA PRO A 64 13.45 -14.14 5.93
C PRO A 64 12.27 -14.04 4.96
N VAL A 65 11.16 -14.66 5.30
CA VAL A 65 9.95 -14.60 4.49
C VAL A 65 8.72 -14.34 5.36
N ALA A 66 7.62 -13.96 4.70
CA ALA A 66 6.31 -13.98 5.33
C ALA A 66 5.48 -15.01 4.61
N ILE A 67 4.63 -15.71 5.37
CA ILE A 67 3.83 -16.77 4.84
C ILE A 67 2.37 -16.40 5.03
N LYS A 68 1.72 -16.07 3.91
CA LYS A 68 0.36 -15.59 3.95
C LYS A 68 -0.63 -16.66 3.53
N HIS A 69 -1.60 -16.92 4.41
CA HIS A 69 -2.65 -17.90 4.15
C HIS A 69 -3.92 -17.19 3.92
N VAL A 70 -4.59 -17.53 2.82
CA VAL A 70 -5.90 -17.00 2.54
C VAL A 70 -6.81 -18.19 2.26
N GLU A 71 -7.91 -18.28 3.00
CA GLU A 71 -8.92 -19.32 2.75
C GLU A 71 -9.61 -19.09 1.40
N LYS A 72 -9.84 -20.17 0.66
CA LYS A 72 -10.48 -20.09 -0.66
C LYS A 72 -11.85 -19.43 -0.66
N ASP A 73 -12.67 -19.76 0.33
CA ASP A 73 -14.01 -19.18 0.45
C ASP A 73 -13.97 -17.68 0.68
N ARG A 74 -12.86 -17.19 1.21
CA ARG A 74 -12.71 -15.78 1.56
C ARG A 74 -12.13 -14.95 0.42
N ILE A 75 -11.74 -15.61 -0.67
CA ILE A 75 -11.09 -14.93 -1.79
C ILE A 75 -12.08 -14.12 -2.61
N SER A 76 -11.86 -12.81 -2.62
CA SER A 76 -12.70 -11.84 -3.31
C SER A 76 -12.69 -12.08 -4.83
N ASP A 77 -11.57 -11.73 -5.47
CA ASP A 77 -11.40 -11.87 -6.92
C ASP A 77 -10.43 -12.96 -7.31
N TRP A 78 -10.72 -13.64 -8.40
CA TRP A 78 -9.84 -14.66 -8.95
C TRP A 78 -9.33 -14.23 -10.29
N GLY A 79 -8.09 -14.63 -10.59
CA GLY A 79 -7.51 -14.42 -11.89
C GLY A 79 -6.97 -15.72 -12.40
N GLU A 80 -6.32 -15.69 -13.55
CA GLU A 80 -5.65 -16.88 -14.05
C GLU A 80 -4.25 -16.55 -14.55
N LEU A 81 -3.35 -17.49 -14.36
CA LEU A 81 -1.94 -17.29 -14.71
C LEU A 81 -1.74 -17.25 -16.23
N PRO A 82 -0.58 -16.73 -16.70
CA PRO A 82 -0.23 -16.81 -18.11
C PRO A 82 -0.49 -18.22 -18.70
N ASN A 83 -0.11 -19.26 -17.97
CA ASN A 83 -0.36 -20.64 -18.37
C ASN A 83 -1.77 -21.15 -18.02
N GLY A 84 -2.65 -20.24 -17.60
CA GLY A 84 -4.04 -20.56 -17.32
C GLY A 84 -4.26 -21.46 -16.12
N THR A 85 -3.95 -20.95 -14.93
CA THR A 85 -4.28 -21.64 -13.68
C THR A 85 -5.04 -20.67 -12.77
N ARG A 86 -6.15 -21.14 -12.23
CA ARG A 86 -7.02 -20.33 -11.37
C ARG A 86 -6.33 -20.02 -10.03
N VAL A 87 -6.02 -18.74 -9.81
CA VAL A 87 -5.34 -18.29 -8.58
C VAL A 87 -6.03 -17.06 -7.98
N PRO A 88 -5.74 -16.75 -6.70
CA PRO A 88 -6.22 -15.46 -6.17
C PRO A 88 -5.66 -14.31 -7.02
N MET A 89 -6.43 -13.24 -7.16
CA MET A 89 -5.99 -12.07 -7.93
C MET A 89 -4.65 -11.56 -7.41
N GLU A 90 -4.46 -11.60 -6.09
CA GLU A 90 -3.21 -11.14 -5.52
C GLU A 90 -2.00 -11.82 -6.14
N VAL A 91 -2.13 -13.11 -6.44
CA VAL A 91 -1.02 -13.85 -7.06
C VAL A 91 -0.75 -13.29 -8.47
N VAL A 92 -1.82 -13.10 -9.25
CA VAL A 92 -1.69 -12.52 -10.59
C VAL A 92 -1.01 -11.16 -10.51
N LEU A 93 -1.54 -10.31 -9.64
CA LEU A 93 -1.04 -8.97 -9.47
C LEU A 93 0.40 -8.92 -9.00
N LEU A 94 0.75 -9.74 -8.01
CA LEU A 94 2.13 -9.76 -7.50
C LEU A 94 3.12 -10.25 -8.53
N LYS A 95 2.74 -11.22 -9.36
CA LYS A 95 3.62 -11.66 -10.46
C LYS A 95 3.84 -10.53 -11.46
N LYS A 96 2.79 -9.77 -11.73
CA LYS A 96 2.90 -8.66 -12.67
C LYS A 96 3.88 -7.58 -12.20
N VAL A 97 3.99 -7.36 -10.89
CA VAL A 97 4.87 -6.30 -10.39
C VAL A 97 6.29 -6.75 -10.01
N SER A 98 6.63 -8.01 -10.22
CA SER A 98 7.95 -8.52 -9.82
C SER A 98 9.08 -8.10 -10.77
N SER A 99 10.07 -7.42 -10.19
CA SER A 99 11.29 -6.98 -10.88
C SER A 99 12.29 -6.59 -9.78
N GLY A 100 13.44 -6.05 -10.15
CA GLY A 100 14.48 -5.70 -9.17
C GLY A 100 14.13 -4.54 -8.25
N PHE A 101 12.97 -3.94 -8.49
CA PHE A 101 12.53 -2.76 -7.77
C PHE A 101 11.97 -3.15 -6.42
N SER A 102 12.51 -2.56 -5.36
CA SER A 102 12.21 -3.01 -4.01
C SER A 102 11.03 -2.30 -3.34
N GLY A 103 10.27 -1.49 -4.10
CA GLY A 103 9.16 -0.72 -3.51
C GLY A 103 7.88 -1.52 -3.32
N VAL A 104 7.79 -2.67 -3.97
CA VAL A 104 6.63 -3.54 -3.83
C VAL A 104 7.11 -4.86 -3.26
N ILE A 105 6.40 -5.36 -2.27
CA ILE A 105 6.74 -6.64 -1.67
C ILE A 105 6.81 -7.71 -2.76
N ARG A 106 7.85 -8.53 -2.73
CA ARG A 106 8.05 -9.52 -3.77
C ARG A 106 7.40 -10.86 -3.42
N LEU A 107 6.63 -11.42 -4.36
CA LEU A 107 6.10 -12.77 -4.24
C LEU A 107 7.18 -13.77 -4.62
N LEU A 108 7.60 -14.59 -3.66
CA LEU A 108 8.67 -15.55 -3.90
C LEU A 108 8.15 -16.87 -4.43
N ASP A 109 6.97 -17.26 -3.95
CA ASP A 109 6.36 -18.53 -4.35
C ASP A 109 4.95 -18.54 -3.81
N TRP A 110 4.15 -19.49 -4.27
CA TRP A 110 2.79 -19.65 -3.78
C TRP A 110 2.43 -21.10 -3.89
N PHE A 111 1.43 -21.51 -3.12
CA PHE A 111 1.00 -22.90 -3.06
C PHE A 111 -0.50 -22.96 -2.97
N GLU A 112 -1.09 -23.96 -3.61
CA GLU A 112 -2.50 -24.23 -3.44
C GLU A 112 -2.65 -25.39 -2.45
N ARG A 113 -3.55 -25.20 -1.50
CA ARG A 113 -3.96 -26.24 -0.58
C ARG A 113 -5.42 -26.55 -0.87
N PRO A 114 -5.94 -27.66 -0.28
CA PRO A 114 -7.34 -27.99 -0.55
C PRO A 114 -8.30 -26.82 -0.32
N ASP A 115 -8.14 -26.08 0.78
CA ASP A 115 -9.09 -25.01 1.11
C ASP A 115 -8.50 -23.61 1.22
N SER A 116 -7.25 -23.46 0.79
CA SER A 116 -6.56 -22.19 0.94
C SER A 116 -5.45 -22.03 -0.08
N PHE A 117 -5.03 -20.78 -0.27
CA PHE A 117 -3.76 -20.49 -0.91
C PHE A 117 -2.76 -19.96 0.08
N VAL A 118 -1.50 -20.24 -0.19
CA VAL A 118 -0.40 -19.82 0.65
C VAL A 118 0.58 -19.06 -0.21
N LEU A 119 0.90 -17.84 0.19
CA LEU A 119 1.80 -16.95 -0.54
C LEU A 119 3.06 -16.75 0.25
N ILE A 120 4.20 -16.91 -0.41
CA ILE A 120 5.48 -16.64 0.23
C ILE A 120 5.97 -15.29 -0.24
N LEU A 121 6.16 -14.39 0.72
CA LEU A 121 6.57 -13.03 0.45
C LEU A 121 7.94 -12.80 1.03
N GLU A 122 8.73 -11.95 0.38
CA GLU A 122 9.99 -11.50 0.98
C GLU A 122 9.64 -10.75 2.27
N ARG A 123 10.48 -10.87 3.29
CA ARG A 123 10.26 -10.14 4.53
C ARG A 123 11.52 -9.36 4.92
N PRO A 124 11.42 -8.01 4.93
CA PRO A 124 12.48 -7.15 5.46
C PRO A 124 12.63 -7.39 6.95
N GLU A 125 13.84 -7.24 7.45
CA GLU A 125 14.12 -7.50 8.86
C GLU A 125 15.28 -6.63 9.31
N PRO A 126 15.06 -5.75 10.31
CA PRO A 126 13.83 -5.50 11.02
C PRO A 126 12.83 -4.68 10.19
N VAL A 127 11.56 -4.84 10.51
CA VAL A 127 10.48 -4.23 9.78
C VAL A 127 9.44 -3.67 10.76
N GLN A 128 8.76 -2.62 10.31
CA GLN A 128 7.65 -2.07 11.07
C GLN A 128 6.70 -1.47 10.06
N ASP A 129 5.41 -1.70 10.22
CA ASP A 129 4.45 -1.09 9.30
C ASP A 129 4.32 0.40 9.60
N LEU A 130 3.80 1.14 8.63
CA LEU A 130 3.75 2.57 8.77
C LEU A 130 2.75 2.96 9.86
N PHE A 131 1.70 2.16 10.01
CA PHE A 131 0.69 2.40 11.03
C PHE A 131 1.32 2.44 12.43
N ASP A 132 2.15 1.43 12.76
CA ASP A 132 2.78 1.35 14.08
C ASP A 132 3.81 2.44 14.24
N PHE A 133 4.52 2.75 13.14
CA PHE A 133 5.55 3.74 13.15
C PHE A 133 4.95 5.10 13.50
N ILE A 134 3.83 5.43 12.84
CA ILE A 134 3.15 6.68 13.12
C ILE A 134 2.55 6.68 14.53
N THR A 135 1.91 5.58 14.92
CA THR A 135 1.35 5.43 16.26
C THR A 135 2.39 5.79 17.32
N GLU A 136 3.58 5.21 17.23
CA GLU A 136 4.59 5.44 18.25
C GLU A 136 5.29 6.79 18.16
N ARG A 137 5.41 7.34 16.95
CA ARG A 137 6.15 8.58 16.80
C ARG A 137 5.29 9.83 16.68
N GLY A 138 3.97 9.64 16.59
CA GLY A 138 3.04 10.73 16.31
C GLY A 138 3.18 11.18 14.86
N ALA A 139 2.71 12.39 14.58
CA ALA A 139 2.86 12.99 13.25
C ALA A 139 4.33 13.02 12.85
N LEU A 140 4.61 12.71 11.58
CA LEU A 140 5.97 12.69 11.09
C LEU A 140 6.47 14.06 10.70
N GLN A 141 7.74 14.35 11.01
CA GLN A 141 8.40 15.52 10.45
C GLN A 141 8.20 15.51 8.94
N GLU A 142 8.05 16.70 8.34
CA GLU A 142 7.75 16.76 6.92
C GLU A 142 8.84 16.16 6.04
N GLU A 143 10.10 16.33 6.45
CA GLU A 143 11.20 15.74 5.70
C GLU A 143 11.05 14.24 5.61
N LEU A 144 10.65 13.63 6.72
CA LEU A 144 10.44 12.20 6.76
C LEU A 144 9.21 11.80 5.96
N ALA A 145 8.10 12.50 6.17
CA ALA A 145 6.87 12.22 5.39
C ALA A 145 7.16 12.34 3.90
N ARG A 146 7.97 13.33 3.54
CA ARG A 146 8.32 13.54 2.12
C ARG A 146 9.02 12.32 1.56
N SER A 147 10.05 11.86 2.27
CA SER A 147 10.79 10.67 1.84
C SER A 147 9.87 9.46 1.73
N PHE A 148 9.08 9.22 2.78
CA PHE A 148 8.16 8.09 2.79
C PHE A 148 7.12 8.20 1.67
N PHE A 149 6.51 9.37 1.54
CA PHE A 149 5.42 9.55 0.56
C PHE A 149 5.97 9.38 -0.85
N TRP A 150 7.16 9.92 -1.07
CA TRP A 150 7.86 9.77 -2.36
C TRP A 150 8.05 8.32 -2.71
N GLN A 151 8.54 7.53 -1.76
CA GLN A 151 8.72 6.10 -2.02
C GLN A 151 7.42 5.39 -2.28
N VAL A 152 6.36 5.78 -1.59
CA VAL A 152 5.07 5.18 -1.86
C VAL A 152 4.66 5.52 -3.30
N LEU A 153 4.81 6.80 -3.66
CA LEU A 153 4.46 7.23 -5.03
C LEU A 153 5.23 6.41 -6.07
N GLU A 154 6.53 6.23 -5.87
CA GLU A 154 7.34 5.42 -6.79
C GLU A 154 6.80 3.98 -6.88
N ALA A 155 6.44 3.40 -5.72
CA ALA A 155 5.91 2.02 -5.69
C ALA A 155 4.58 1.89 -6.43
N VAL A 156 3.71 2.88 -6.23
CA VAL A 156 2.40 2.88 -6.83
C VAL A 156 2.53 3.09 -8.34
N ARG A 157 3.44 3.97 -8.75
CA ARG A 157 3.67 4.20 -10.17
C ARG A 157 4.16 2.91 -10.79
N HIS A 158 5.03 2.21 -10.08
CA HIS A 158 5.52 0.92 -10.58
C HIS A 158 4.38 -0.05 -10.78
N CYS A 159 3.47 -0.12 -9.81
CA CYS A 159 2.29 -0.98 -9.97
C CYS A 159 1.51 -0.60 -11.21
N HIS A 160 1.19 0.69 -11.32
CA HIS A 160 0.39 1.17 -12.46
C HIS A 160 1.08 0.91 -13.77
N ASN A 161 2.38 1.11 -13.80
CA ASN A 161 3.18 0.83 -14.99
C ASN A 161 3.16 -0.66 -15.36
N CYS A 162 2.98 -1.53 -14.37
CA CYS A 162 2.86 -2.97 -14.60
C CYS A 162 1.42 -3.43 -14.81
N GLY A 163 0.50 -2.48 -14.91
CA GLY A 163 -0.92 -2.75 -15.15
C GLY A 163 -1.66 -3.25 -13.91
N VAL A 164 -1.17 -2.85 -12.74
CA VAL A 164 -1.75 -3.29 -11.46
C VAL A 164 -2.26 -2.10 -10.65
N LEU A 165 -3.47 -2.20 -10.16
CA LEU A 165 -4.04 -1.18 -9.29
C LEU A 165 -4.15 -1.78 -7.89
N HIS A 166 -3.55 -1.13 -6.91
CA HIS A 166 -3.53 -1.70 -5.55
C HIS A 166 -4.88 -1.68 -4.84
N ARG A 167 -5.54 -0.52 -4.88
CA ARG A 167 -6.88 -0.33 -4.28
C ARG A 167 -6.97 -0.36 -2.76
N ASP A 168 -5.84 -0.44 -2.07
CA ASP A 168 -5.91 -0.42 -0.60
C ASP A 168 -4.67 0.26 -0.02
N ILE A 169 -4.27 1.36 -0.65
CA ILE A 169 -3.08 2.07 -0.18
C ILE A 169 -3.46 2.66 1.19
N LYS A 170 -2.67 2.32 2.21
CA LYS A 170 -2.89 2.83 3.55
C LYS A 170 -1.67 2.51 4.41
N ASP A 171 -1.61 3.13 5.58
CA ASP A 171 -0.45 2.96 6.44
C ASP A 171 -0.22 1.49 6.83
N GLU A 172 -1.29 0.72 6.99
CA GLU A 172 -1.16 -0.70 7.39
C GLU A 172 -0.62 -1.56 6.25
N ASN A 173 -0.71 -1.04 5.04
CA ASN A 173 -0.18 -1.77 3.88
C ASN A 173 1.17 -1.28 3.38
N ILE A 174 1.87 -0.55 4.25
CA ILE A 174 3.20 -0.09 3.91
C ILE A 174 4.15 -0.58 4.98
N LEU A 175 5.17 -1.31 4.57
CA LEU A 175 6.19 -1.77 5.50
C LEU A 175 7.42 -0.92 5.37
N ILE A 176 8.05 -0.66 6.52
CA ILE A 176 9.30 0.09 6.53
C ILE A 176 10.48 -0.86 6.81
N ASP A 177 11.40 -0.96 5.85
CA ASP A 177 12.66 -1.66 6.07
C ASP A 177 13.50 -0.67 6.87
N LEU A 178 13.52 -0.88 8.19
CA LEU A 178 14.09 0.09 9.12
C LEU A 178 15.59 0.34 8.94
N ASN A 179 16.33 -0.68 8.51
CA ASN A 179 17.77 -0.52 8.27
C ASN A 179 18.08 0.31 7.03
N ARG A 180 17.29 0.09 5.99
CA ARG A 180 17.56 0.69 4.68
C ARG A 180 16.76 1.97 4.40
N GLY A 181 15.76 2.23 5.24
CA GLY A 181 14.87 3.39 5.04
C GLY A 181 13.96 3.21 3.82
N GLU A 182 13.72 1.96 3.43
CA GLU A 182 12.94 1.64 2.24
C GLU A 182 11.54 1.16 2.60
N LEU A 183 10.53 1.70 1.92
CA LEU A 183 9.16 1.30 2.13
C LEU A 183 8.76 0.28 1.09
N LYS A 184 7.89 -0.64 1.50
CA LYS A 184 7.40 -1.68 0.62
C LYS A 184 5.89 -1.74 0.72
N LEU A 185 5.24 -1.75 -0.44
CA LEU A 185 3.79 -1.84 -0.49
C LEU A 185 3.43 -3.31 -0.38
N ILE A 186 2.48 -3.61 0.50
CA ILE A 186 2.03 -5.00 0.66
C ILE A 186 0.53 -5.13 0.46
N ASP A 187 0.10 -6.38 0.34
CA ASP A 187 -1.30 -6.78 0.25
C ASP A 187 -2.04 -6.32 -1.01
N PHE A 188 -1.95 -7.13 -2.05
CA PHE A 188 -2.71 -6.86 -3.25
C PHE A 188 -4.01 -7.65 -3.29
N GLY A 189 -4.52 -8.02 -2.11
CA GLY A 189 -5.74 -8.82 -2.01
C GLY A 189 -7.03 -8.11 -2.36
N SER A 190 -6.99 -6.78 -2.49
CA SER A 190 -8.16 -6.00 -2.91
C SER A 190 -7.86 -5.35 -4.25
N GLY A 191 -6.75 -5.73 -4.86
CA GLY A 191 -6.27 -5.07 -6.08
C GLY A 191 -7.03 -5.54 -7.31
N ALA A 192 -6.64 -4.99 -8.46
CA ALA A 192 -7.29 -5.37 -9.71
C ALA A 192 -6.34 -5.04 -10.82
N LEU A 193 -6.57 -5.62 -12.00
CA LEU A 193 -5.86 -5.14 -13.17
C LEU A 193 -6.25 -3.69 -13.36
N LEU A 194 -5.26 -2.85 -13.67
CA LEU A 194 -5.51 -1.46 -13.97
C LEU A 194 -6.27 -1.38 -15.31
N LYS A 195 -7.30 -0.55 -15.35
CA LYS A 195 -8.06 -0.32 -16.59
C LYS A 195 -8.44 1.16 -16.66
N ASP A 196 -8.93 1.60 -17.82
CA ASP A 196 -9.25 3.02 -18.03
C ASP A 196 -10.74 3.28 -17.89
N THR A 197 -11.50 2.21 -17.73
CA THR A 197 -12.93 2.28 -17.54
C THR A 197 -13.26 2.27 -16.04
N VAL A 198 -14.54 2.46 -15.73
CA VAL A 198 -14.98 2.66 -14.36
C VAL A 198 -14.93 1.35 -13.57
N TYR A 199 -14.53 1.44 -12.29
CA TYR A 199 -14.67 0.33 -11.37
C TYR A 199 -15.96 0.51 -10.60
N THR A 200 -16.68 -0.58 -10.41
CA THR A 200 -17.94 -0.53 -9.67
C THR A 200 -17.90 -1.49 -8.48
N ASP A 201 -16.77 -2.15 -8.30
CA ASP A 201 -16.53 -3.00 -7.14
C ASP A 201 -15.42 -2.35 -6.31
N PHE A 202 -15.49 -2.54 -5.00
CA PHE A 202 -14.43 -2.09 -4.12
C PHE A 202 -14.47 -2.84 -2.81
N ASP A 203 -13.33 -3.31 -2.36
CA ASP A 203 -13.24 -3.97 -1.06
C ASP A 203 -11.97 -3.58 -0.35
N GLY A 204 -11.45 -2.37 -0.63
CA GLY A 204 -10.33 -1.84 0.13
C GLY A 204 -10.85 -1.18 1.39
N THR A 205 -10.13 -0.19 1.89
CA THR A 205 -10.44 0.37 3.20
C THR A 205 -11.29 1.62 3.03
N ARG A 206 -12.48 1.63 3.66
CA ARG A 206 -13.47 2.66 3.39
C ARG A 206 -13.00 4.09 3.68
N VAL A 207 -12.28 4.28 4.78
CA VAL A 207 -11.85 5.64 5.15
C VAL A 207 -10.74 6.17 4.24
N TYR A 208 -10.21 5.32 3.35
CA TYR A 208 -9.26 5.77 2.32
C TYR A 208 -9.92 5.84 0.95
N SER A 209 -11.19 5.48 0.87
CA SER A 209 -11.89 5.41 -0.40
C SER A 209 -12.47 6.78 -0.77
N PRO A 210 -12.56 7.08 -2.07
CA PRO A 210 -12.89 8.41 -2.49
C PRO A 210 -14.40 8.70 -2.44
N PRO A 211 -14.77 9.99 -2.50
CA PRO A 211 -16.16 10.41 -2.39
C PRO A 211 -17.04 9.82 -3.50
N GLU A 212 -16.48 9.65 -4.69
CA GLU A 212 -17.23 9.07 -5.82
C GLU A 212 -17.60 7.62 -5.55
N TRP A 213 -16.76 6.89 -4.82
CA TRP A 213 -17.10 5.54 -4.41
C TRP A 213 -18.19 5.59 -3.38
N ILE A 214 -18.01 6.44 -2.36
CA ILE A 214 -19.03 6.59 -1.32
C ILE A 214 -20.40 6.95 -1.91
N ARG A 215 -20.43 7.97 -2.76
CA ARG A 215 -21.69 8.47 -3.32
C ARG A 215 -22.28 7.56 -4.39
N TYR A 216 -21.43 7.12 -5.31
CA TYR A 216 -21.92 6.54 -6.56
C TYR A 216 -21.51 5.10 -6.80
N HIS A 217 -20.67 4.54 -5.93
CA HIS A 217 -20.12 3.19 -6.15
C HIS A 217 -19.42 3.09 -7.48
N ARG A 218 -18.74 4.17 -7.85
CA ARG A 218 -18.02 4.22 -9.12
C ARG A 218 -16.75 5.02 -8.91
N TYR A 219 -15.64 4.55 -9.48
CA TYR A 219 -14.41 5.33 -9.47
C TYR A 219 -13.50 4.87 -10.61
N HIS A 220 -12.54 5.71 -10.96
CA HIS A 220 -11.49 5.31 -11.89
C HIS A 220 -10.25 5.06 -11.09
N GLY A 221 -9.40 4.19 -11.60
CA GLY A 221 -8.28 3.64 -10.83
C GLY A 221 -7.29 4.66 -10.30
N ARG A 222 -6.74 5.43 -11.22
CA ARG A 222 -5.67 6.36 -10.87
C ARG A 222 -6.14 7.49 -9.97
N SER A 223 -7.29 8.08 -10.27
CA SER A 223 -7.77 9.18 -9.46
C SER A 223 -8.23 8.72 -8.08
N ALA A 224 -8.74 7.49 -7.98
CA ALA A 224 -9.05 6.91 -6.66
C ALA A 224 -7.76 6.67 -5.88
N ALA A 225 -6.73 6.16 -6.56
CA ALA A 225 -5.43 6.00 -5.93
C ALA A 225 -4.88 7.32 -5.39
N VAL A 226 -4.99 8.40 -6.16
CA VAL A 226 -4.51 9.71 -5.71
C VAL A 226 -5.27 10.18 -4.47
N TRP A 227 -6.59 9.94 -4.44
CA TRP A 227 -7.35 10.24 -3.22
C TRP A 227 -6.77 9.51 -2.03
N SER A 228 -6.58 8.21 -2.14
CA SER A 228 -6.04 7.43 -1.00
C SER A 228 -4.65 7.93 -0.60
N LEU A 229 -3.88 8.40 -1.58
CA LEU A 229 -2.57 8.98 -1.30
C LEU A 229 -2.66 10.30 -0.54
N GLY A 230 -3.67 11.10 -0.80
CA GLY A 230 -3.87 12.31 0.00
C GLY A 230 -4.25 11.97 1.43
N ILE A 231 -5.08 10.95 1.61
CA ILE A 231 -5.44 10.44 2.95
C ILE A 231 -4.15 9.98 3.66
N LEU A 232 -3.35 9.20 2.95
CA LEU A 232 -2.09 8.70 3.48
C LEU A 232 -1.14 9.83 3.88
N LEU A 233 -1.03 10.83 3.01
CA LEU A 233 -0.10 11.90 3.30
C LEU A 233 -0.59 12.70 4.51
N TYR A 234 -1.90 12.97 4.56
CA TYR A 234 -2.47 13.62 5.73
C TYR A 234 -2.13 12.82 6.98
N ASP A 235 -2.33 11.50 6.89
CA ASP A 235 -2.04 10.60 8.00
C ASP A 235 -0.59 10.73 8.48
N MET A 236 0.35 10.82 7.53
CA MET A 236 1.74 10.92 7.89
C MET A 236 2.03 12.21 8.63
N VAL A 237 1.48 13.32 8.16
CA VAL A 237 1.89 14.60 8.73
C VAL A 237 1.00 15.05 9.87
N CYS A 238 -0.16 14.39 10.03
CA CYS A 238 -1.06 14.71 11.13
C CYS A 238 -1.17 13.62 12.20
N GLY A 239 -0.70 12.41 11.90
CA GLY A 239 -0.75 11.33 12.87
C GLY A 239 -2.08 10.58 12.91
N ASP A 240 -3.04 11.00 12.10
CA ASP A 240 -4.31 10.29 11.98
C ASP A 240 -4.94 10.61 10.64
N ILE A 241 -5.93 9.82 10.25
CA ILE A 241 -6.61 10.04 8.98
C ILE A 241 -7.54 11.24 9.09
N PRO A 242 -7.82 11.93 7.97
CA PRO A 242 -8.59 13.18 8.12
C PRO A 242 -10.11 12.97 8.25
N PHE A 243 -10.62 11.84 7.73
CA PHE A 243 -12.07 11.59 7.70
C PHE A 243 -12.37 10.26 8.35
N GLU A 244 -13.43 10.21 9.15
CA GLU A 244 -13.87 8.93 9.71
C GLU A 244 -15.21 8.50 9.11
N HIS A 245 -16.12 9.44 8.94
CA HIS A 245 -17.48 9.12 8.52
C HIS A 245 -17.67 9.41 7.06
N ASP A 246 -18.57 8.65 6.43
CA ASP A 246 -18.92 8.86 5.02
C ASP A 246 -19.24 10.32 4.72
N GLU A 247 -19.93 10.97 5.64
CA GLU A 247 -20.32 12.37 5.49
C GLU A 247 -19.10 13.29 5.40
N GLU A 248 -18.04 12.96 6.13
CA GLU A 248 -16.84 13.78 6.08
C GLU A 248 -16.11 13.57 4.76
N ILE A 249 -16.07 12.32 4.30
CA ILE A 249 -15.43 11.98 3.01
C ILE A 249 -16.10 12.77 1.89
N ILE A 250 -17.44 12.73 1.85
CA ILE A 250 -18.24 13.44 0.87
C ILE A 250 -18.07 14.95 0.91
N ARG A 251 -17.96 15.52 2.10
CA ARG A 251 -17.76 16.95 2.23
C ARG A 251 -16.34 17.34 1.78
N GLY A 252 -15.37 16.46 2.05
CA GLY A 252 -13.98 16.67 1.62
C GLY A 252 -13.32 17.92 2.19
N GLN A 253 -13.84 18.42 3.31
CA GLN A 253 -13.25 19.59 3.95
C GLN A 253 -12.12 19.13 4.86
N VAL A 254 -10.90 19.55 4.58
CA VAL A 254 -9.73 19.08 5.31
C VAL A 254 -9.41 20.06 6.42
N PHE A 255 -9.31 19.57 7.65
CA PHE A 255 -8.86 20.37 8.77
C PHE A 255 -7.54 19.79 9.26
N PHE A 256 -6.55 20.66 9.43
CA PHE A 256 -5.25 20.24 9.90
C PHE A 256 -5.15 20.37 11.40
N ARG A 257 -4.94 19.22 12.05
CA ARG A 257 -4.89 19.14 13.50
C ARG A 257 -3.47 19.33 14.04
N GLN A 258 -2.49 19.33 13.13
CA GLN A 258 -1.10 19.55 13.47
C GLN A 258 -0.58 20.69 12.59
N ARG A 259 0.55 21.26 12.97
CA ARG A 259 1.18 22.27 12.17
C ARG A 259 1.72 21.59 10.94
N VAL A 260 1.20 21.98 9.79
CA VAL A 260 1.64 21.44 8.50
C VAL A 260 1.90 22.62 7.59
N SER A 261 3.03 22.58 6.90
CA SER A 261 3.40 23.63 5.96
C SER A 261 2.33 23.90 4.90
N SEP A 262 2.30 25.14 4.44
CA SEP A 262 1.34 25.55 3.42
CB SEP A 262 1.59 27.02 3.05
OG SEP A 262 1.40 27.81 4.22
C SEP A 262 1.47 24.70 2.18
O SEP A 262 0.48 24.35 1.57
P SEP A 262 2.67 28.46 5.04
O1P SEP A 262 1.91 29.20 6.16
O2P SEP A 262 3.57 27.31 5.43
O3P SEP A 262 3.34 29.40 4.07
N GLU A 263 2.71 24.37 1.80
CA GLU A 263 2.91 23.60 0.56
C GLU A 263 2.42 22.17 0.74
N CYS A 264 2.69 21.58 1.90
CA CYS A 264 2.16 20.26 2.19
C CYS A 264 0.63 20.26 2.23
N GLN A 265 0.04 21.24 2.91
CA GLN A 265 -1.42 21.38 2.95
C GLN A 265 -2.02 21.45 1.55
N HIS A 266 -1.38 22.24 0.68
CA HIS A 266 -1.84 22.42 -0.69
C HIS A 266 -1.87 21.10 -1.43
N LEU A 267 -0.79 20.34 -1.30
CA LEU A 267 -0.74 19.05 -1.98
C LEU A 267 -1.82 18.09 -1.48
N ILE A 268 -1.98 18.04 -0.16
CA ILE A 268 -3.02 17.21 0.42
C ILE A 268 -4.40 17.59 -0.12
N ARG A 269 -4.69 18.88 -0.11
CA ARG A 269 -6.01 19.33 -0.49
C ARG A 269 -6.24 19.08 -1.96
N TRP A 270 -5.14 19.11 -2.71
CA TRP A 270 -5.21 18.81 -4.14
C TRP A 270 -5.49 17.35 -4.40
N CYS A 271 -4.76 16.46 -3.72
CA CYS A 271 -5.05 15.03 -3.80
C CYS A 271 -6.48 14.68 -3.38
N LEU A 272 -6.99 15.43 -2.42
CA LEU A 272 -8.33 15.23 -1.91
C LEU A 272 -9.40 16.11 -2.56
N ALA A 273 -9.15 16.55 -3.79
CA ALA A 273 -10.19 17.26 -4.56
C ALA A 273 -11.40 16.36 -4.68
N LEU A 274 -12.59 16.94 -4.45
CA LEU A 274 -13.82 16.17 -4.56
C LEU A 274 -14.03 15.61 -5.96
N ARG A 275 -13.78 16.42 -6.99
CA ARG A 275 -13.95 15.96 -8.35
C ARG A 275 -12.70 15.21 -8.77
N PRO A 276 -12.84 13.94 -9.19
CA PRO A 276 -11.65 13.14 -9.52
C PRO A 276 -10.72 13.82 -10.53
N SER A 277 -11.30 14.51 -11.53
CA SER A 277 -10.49 15.19 -12.55
C SER A 277 -9.78 16.45 -12.01
N ASP A 278 -10.14 16.91 -10.82
CA ASP A 278 -9.42 18.01 -10.23
C ASP A 278 -8.17 17.54 -9.47
N ARG A 279 -7.97 16.23 -9.35
CA ARG A 279 -6.83 15.71 -8.56
C ARG A 279 -5.58 15.72 -9.39
N PRO A 280 -4.40 15.84 -8.75
CA PRO A 280 -3.16 15.83 -9.51
C PRO A 280 -2.89 14.47 -10.12
N THR A 281 -2.19 14.44 -11.25
CA THR A 281 -1.67 13.18 -11.78
C THR A 281 -0.47 12.80 -10.92
N PHE A 282 0.03 11.58 -11.05
CA PHE A 282 1.23 11.21 -10.31
C PHE A 282 2.38 12.13 -10.65
N GLU A 283 2.49 12.52 -11.91
CA GLU A 283 3.56 13.42 -12.32
C GLU A 283 3.40 14.76 -11.62
N GLU A 284 2.17 15.25 -11.51
CA GLU A 284 1.92 16.52 -10.85
C GLU A 284 2.22 16.45 -9.35
N ILE A 285 1.92 15.32 -8.73
CA ILE A 285 2.28 15.18 -7.32
C ILE A 285 3.80 15.27 -7.16
N GLN A 286 4.51 14.50 -7.96
CA GLN A 286 5.97 14.43 -7.79
C GLN A 286 6.70 15.69 -8.21
N ASN A 287 6.05 16.52 -9.02
CA ASN A 287 6.58 17.83 -9.39
C ASN A 287 6.16 18.94 -8.44
N HIS A 288 5.33 18.60 -7.45
CA HIS A 288 4.82 19.62 -6.54
C HIS A 288 5.97 20.19 -5.74
N PRO A 289 5.93 21.50 -5.44
CA PRO A 289 7.00 22.11 -4.62
C PRO A 289 7.29 21.38 -3.32
N TRP A 290 6.26 20.85 -2.66
CA TRP A 290 6.50 20.12 -1.42
C TRP A 290 7.34 18.88 -1.60
N MET A 291 7.31 18.31 -2.79
CA MET A 291 7.99 17.02 -3.05
C MET A 291 9.45 17.14 -3.49
N GLN A 292 9.96 18.36 -3.55
CA GLN A 292 11.31 18.56 -4.09
C GLN A 292 12.37 18.20 -3.06
N ASP A 293 13.56 17.82 -3.53
CA ASP A 293 14.71 17.53 -2.67
C ASP A 293 14.47 16.39 -1.67
N VAL A 294 13.81 15.33 -2.12
CA VAL A 294 13.57 14.18 -1.25
C VAL A 294 14.91 13.60 -0.79
N LEU A 295 14.94 13.11 0.44
CA LEU A 295 16.06 12.35 0.94
C LEU A 295 16.13 11.01 0.22
N LEU A 296 17.33 10.49 0.06
CA LEU A 296 17.53 9.09 -0.30
C LEU A 296 17.03 8.19 0.84
N PRO A 297 16.63 6.95 0.51
CA PRO A 297 16.20 6.05 1.58
C PRO A 297 17.28 5.85 2.67
N GLN A 298 18.55 5.71 2.27
CA GLN A 298 19.61 5.50 3.27
C GLN A 298 19.79 6.72 4.18
N GLU A 299 19.75 7.92 3.60
CA GLU A 299 19.81 9.17 4.37
C GLU A 299 18.62 9.25 5.32
N THR A 300 17.48 8.78 4.83
CA THR A 300 16.27 8.78 5.63
C THR A 300 16.44 7.87 6.85
N ALA A 301 17.02 6.69 6.64
CA ALA A 301 17.25 5.79 7.77
C ALA A 301 18.28 6.40 8.75
N GLU A 302 19.34 6.99 8.20
CA GLU A 302 20.40 7.59 9.02
C GLU A 302 19.85 8.71 9.91
N ILE A 303 19.17 9.67 9.29
CA ILE A 303 18.61 10.82 9.99
C ILE A 303 17.45 10.44 10.90
N HIS A 304 16.55 9.56 10.42
CA HIS A 304 15.25 9.41 11.07
C HIS A 304 14.95 8.10 11.70
N LEU A 305 15.65 7.04 11.29
CA LEU A 305 15.31 5.70 11.77
C LEU A 305 16.36 5.11 12.71
N HIS A 306 17.64 5.45 12.52
CA HIS A 306 18.72 4.86 13.31
C HIS A 306 18.92 5.58 14.60
O13 UGX B . 0.42 -8.90 9.05
C12 UGX B . 0.41 -7.69 8.81
N14 UGX B . 1.11 -6.82 9.52
C21 UGX B . 1.93 -7.12 10.70
C15 UGX B . 3.40 -6.74 10.57
C24 UGX B . 3.48 -5.23 10.28
C23 UGX B . 4.08 -7.47 9.43
C22 UGX B . 4.10 -7.05 11.90
C11 UGX B . -0.39 -7.13 7.65
C6 UGX B . -0.61 -8.15 6.52
N5 UGX B . 0.63 -8.49 5.75
C1 UGX B . 1.89 -8.54 6.19
C7 UGX B . -1.69 -7.58 5.58
N8 UGX B . -1.73 -8.34 4.33
C9 UGX B . -0.67 -8.83 3.68
O10 UGX B . -0.73 -9.27 2.54
C4 UGX B . 0.61 -8.82 4.44
C2 UGX B . 1.88 -9.09 3.96
C3 UGX B . 2.65 -8.92 5.10
C16 UGX B . 4.14 -9.06 5.12
C18 UGX B . 4.84 -9.04 6.32
S20 UGX B . 6.53 -9.15 5.92
C19 UGX B . 6.23 -9.21 4.21
C17 UGX B . 4.88 -9.14 3.94
#